data_6BBZ
#
_entry.id   6BBZ
#
_cell.length_a   50.822
_cell.length_b   86.169
_cell.length_c   76.900
_cell.angle_alpha   90.00
_cell.angle_beta   94.55
_cell.angle_gamma   90.00
#
_symmetry.space_group_name_H-M   'I 1 2 1'
#
loop_
_entity.id
_entity.type
_entity.pdbx_description
1 polymer 'AAC 3-VI protein'
2 non-polymer '(1S,2S,3R,4S,6R)-4,6-diamino-3-{[(2S,3R)-3-amino-6-(aminomethyl)-3,4-dihydro-2H-pyran-2-yl]oxy}-2-hydroxycyclohexyl 3-deoxy-4-C-methyl-3-(methylamino)-beta-L-arabinopyranoside'
3 non-polymer 'MAGNESIUM ION'
4 water water
#
_entity_poly.entity_id   1
_entity_poly.type   'polypeptide(L)'
_entity_poly.pdbx_seq_one_letter_code
;GSHMTDPRKNGDLHEPATAPATPWSKSELVRQLRDLGVRSGDMVMPHVSLRAVGPLADGPQTLVDALIEAVGPTGNILAF
VSWRDSPYEQTLGHDAPPAAIAQSWPAFDPDHAPAYPGFGAINEFIRTYPGCRRTAHPDASMAAIGPDAAWLVAPHEMGA
AYGPRSPIARFLAHAGKILSIGAGPDAVTALHYAEAVARIEGKRRVTYSMPLLREGKRVWVTTSDWDSNGILDEYAAPDG
PDAVERIARDYLARTRVAQGPVGGAQSRLIDAADIVSFGIEWLEARHAAPAAAALKPKQRRD
;
_entity_poly.pdbx_strand_id   A
#
loop_
_chem_comp.id
_chem_comp.type
_chem_comp.name
_chem_comp.formula
MG non-polymer 'MAGNESIUM ION' 'Mg 2'
SIS non-polymer '(1S,2S,3R,4S,6R)-4,6-diamino-3-{[(2S,3R)-3-amino-6-(aminomethyl)-3,4-dihydro-2H-pyran-2-yl]oxy}-2-hydroxycyclohexyl 3-deoxy-4-C-methyl-3-(methylamino)-beta-L-arabinopyranoside' 'C19 H37 N5 O7'
#
# COMPACT_ATOMS: atom_id res chain seq x y z
N THR A 22 -0.19 -30.31 -3.21
CA THR A 22 -1.62 -30.07 -3.36
C THR A 22 -1.94 -28.58 -3.21
N PRO A 23 -2.78 -28.04 -4.11
CA PRO A 23 -3.09 -26.61 -4.02
C PRO A 23 -3.90 -26.28 -2.78
N TRP A 24 -3.67 -25.08 -2.26
CA TRP A 24 -4.31 -24.65 -1.04
C TRP A 24 -5.76 -24.26 -1.30
N SER A 25 -6.65 -24.69 -0.41
CA SER A 25 -8.06 -24.34 -0.49
C SER A 25 -8.37 -23.11 0.37
N LYS A 26 -9.45 -22.42 0.02
CA LYS A 26 -9.90 -21.29 0.83
C LYS A 26 -9.94 -21.66 2.30
N SER A 27 -10.53 -22.83 2.61
CA SER A 27 -10.71 -23.23 4.00
C SER A 27 -9.38 -23.38 4.72
N GLU A 28 -8.38 -23.98 4.08
CA GLU A 28 -7.08 -24.11 4.70
C GLU A 28 -6.46 -22.74 4.98
N LEU A 29 -6.63 -21.80 4.06
CA LEU A 29 -6.00 -20.49 4.22
C LEU A 29 -6.67 -19.70 5.33
N VAL A 30 -8.00 -19.80 5.45
CA VAL A 30 -8.72 -19.13 6.53
C VAL A 30 -8.25 -19.63 7.89
N ARG A 31 -8.11 -20.96 8.03
CA ARG A 31 -7.59 -21.51 9.27
C ARG A 31 -6.20 -20.95 9.59
N GLN A 32 -5.33 -20.94 8.59
CA GLN A 32 -3.99 -20.40 8.81
C GLN A 32 -4.03 -18.94 9.21
N LEU A 33 -4.90 -18.14 8.57
CA LEU A 33 -5.00 -16.72 8.90
C LEU A 33 -5.53 -16.53 10.31
N ARG A 34 -6.44 -17.40 10.73
CA ARG A 34 -6.95 -17.31 12.09
C ARG A 34 -5.89 -17.73 13.10
N ASP A 35 -5.11 -18.77 12.79
CA ASP A 35 -4.00 -19.15 13.68
C ASP A 35 -2.98 -18.02 13.79
N LEU A 36 -2.79 -17.26 12.71
CA LEU A 36 -1.84 -16.18 12.74
C LEU A 36 -2.33 -15.04 13.61
N GLY A 37 -3.64 -14.85 13.72
CA GLY A 37 -4.20 -13.84 14.59
C GLY A 37 -5.18 -12.91 13.92
N VAL A 38 -5.56 -13.17 12.66
CA VAL A 38 -6.59 -12.36 12.03
C VAL A 38 -7.94 -12.69 12.67
N ARG A 39 -8.64 -11.67 13.14
CA ARG A 39 -9.91 -11.84 13.83
C ARG A 39 -11.05 -11.19 13.04
N SER A 40 -12.26 -11.70 13.24
CA SER A 40 -13.42 -11.07 12.65
C SER A 40 -13.47 -9.62 13.09
N GLY A 41 -13.70 -8.72 12.13
CA GLY A 41 -13.75 -7.29 12.42
C GLY A 41 -12.45 -6.55 12.22
N ASP A 42 -11.36 -7.27 11.97
CA ASP A 42 -10.06 -6.64 11.81
C ASP A 42 -10.03 -5.76 10.55
N MET A 43 -9.12 -4.78 10.60
CA MET A 43 -8.77 -3.91 9.50
C MET A 43 -7.36 -4.30 9.05
N VAL A 44 -7.25 -4.85 7.85
CA VAL A 44 -6.02 -5.51 7.40
C VAL A 44 -5.54 -4.88 6.10
N MET A 45 -4.23 -4.69 5.99
CA MET A 45 -3.58 -4.26 4.76
C MET A 45 -2.62 -5.34 4.32
N PRO A 46 -2.90 -6.08 3.25
CA PRO A 46 -2.01 -7.18 2.88
C PRO A 46 -0.92 -6.77 1.89
N HIS A 47 0.24 -7.40 2.05
CA HIS A 47 1.34 -7.35 1.11
C HIS A 47 1.68 -8.79 0.80
N VAL A 48 1.54 -9.19 -0.46
CA VAL A 48 1.52 -10.60 -0.82
C VAL A 48 2.52 -10.89 -1.93
N SER A 49 3.28 -11.98 -1.77
CA SER A 49 4.09 -12.58 -2.83
C SER A 49 3.43 -13.90 -3.21
N LEU A 50 2.76 -13.92 -4.36
CA LEU A 50 2.00 -15.12 -4.73
C LEU A 50 2.91 -16.31 -4.99
N ARG A 51 4.14 -16.07 -5.44
CA ARG A 51 5.06 -17.19 -5.67
C ARG A 51 5.41 -17.90 -4.37
N ALA A 52 5.58 -17.14 -3.27
CA ALA A 52 5.85 -17.78 -1.99
C ALA A 52 4.65 -18.55 -1.46
N VAL A 53 3.43 -18.13 -1.82
CA VAL A 53 2.24 -18.78 -1.31
C VAL A 53 2.11 -20.18 -1.89
N GLY A 54 2.44 -20.33 -3.17
CA GLY A 54 2.26 -21.59 -3.84
C GLY A 54 0.92 -21.68 -4.53
N PRO A 55 0.60 -22.87 -5.04
CA PRO A 55 -0.59 -23.00 -5.88
C PRO A 55 -1.86 -22.91 -5.05
N LEU A 56 -2.87 -22.28 -5.65
CA LEU A 56 -4.15 -22.03 -5.00
C LEU A 56 -5.25 -22.70 -5.79
N ALA A 57 -6.28 -23.16 -5.07
CA ALA A 57 -7.35 -23.93 -5.69
C ALA A 57 -7.89 -23.25 -6.94
N ASP A 58 -8.29 -21.98 -6.82
CA ASP A 58 -8.86 -21.24 -7.94
C ASP A 58 -8.04 -20.00 -8.23
N GLY A 59 -6.72 -20.14 -8.16
CA GLY A 59 -5.83 -19.05 -8.43
C GLY A 59 -5.84 -18.02 -7.32
N PRO A 60 -5.33 -16.82 -7.61
CA PRO A 60 -5.25 -15.79 -6.57
C PRO A 60 -6.58 -15.44 -5.93
N GLN A 61 -7.68 -15.55 -6.68
CA GLN A 61 -9.00 -15.28 -6.09
C GLN A 61 -9.21 -16.08 -4.82
N THR A 62 -8.62 -17.26 -4.73
CA THR A 62 -8.77 -18.09 -3.53
C THR A 62 -8.23 -17.36 -2.30
N LEU A 63 -7.11 -16.67 -2.42
CA LEU A 63 -6.56 -15.95 -1.28
C LEU A 63 -7.39 -14.72 -0.97
N VAL A 64 -7.87 -14.02 -2.00
CA VAL A 64 -8.77 -12.88 -1.78
C VAL A 64 -10.00 -13.33 -1.01
N ASP A 65 -10.61 -14.44 -1.45
CA ASP A 65 -11.80 -14.96 -0.78
C ASP A 65 -11.49 -15.32 0.67
N ALA A 66 -10.31 -15.86 0.92
CA ALA A 66 -9.93 -16.25 2.27
C ALA A 66 -9.74 -15.04 3.18
N LEU A 67 -9.12 -13.97 2.66
CA LEU A 67 -8.94 -12.75 3.45
C LEU A 67 -10.29 -12.16 3.85
N ILE A 68 -11.23 -12.11 2.91
CA ILE A 68 -12.55 -11.52 3.19
C ILE A 68 -13.29 -12.34 4.23
N GLU A 69 -13.26 -13.67 4.10
CA GLU A 69 -13.90 -14.52 5.10
C GLU A 69 -13.24 -14.34 6.46
N ALA A 70 -11.91 -14.17 6.48
CA ALA A 70 -11.20 -14.09 7.75
C ALA A 70 -11.56 -12.81 8.50
N VAL A 71 -11.67 -11.67 7.82
CA VAL A 71 -12.03 -10.44 8.53
C VAL A 71 -13.54 -10.34 8.74
N GLY A 72 -14.32 -11.13 8.02
CA GLY A 72 -15.73 -11.20 8.29
C GLY A 72 -16.51 -10.03 7.71
N PRO A 73 -17.84 -10.06 7.89
CA PRO A 73 -18.68 -9.01 7.31
C PRO A 73 -18.51 -7.65 7.95
N THR A 74 -17.88 -7.55 9.12
CA THR A 74 -17.60 -6.25 9.72
C THR A 74 -16.15 -5.81 9.55
N GLY A 75 -15.29 -6.65 8.98
CA GLY A 75 -13.90 -6.27 8.79
C GLY A 75 -13.68 -5.51 7.49
N ASN A 76 -12.44 -5.05 7.29
CA ASN A 76 -12.07 -4.27 6.12
C ASN A 76 -10.69 -4.68 5.63
N ILE A 77 -10.50 -4.55 4.32
CA ILE A 77 -9.22 -4.78 3.67
C ILE A 77 -8.83 -3.51 2.97
N LEU A 78 -7.57 -3.07 3.13
CA LEU A 78 -7.05 -1.91 2.41
C LEU A 78 -5.79 -2.35 1.68
N ALA A 79 -5.70 -2.03 0.39
CA ALA A 79 -4.56 -2.47 -0.41
C ALA A 79 -4.01 -1.29 -1.20
N PHE A 80 -2.68 -1.26 -1.32
CA PHE A 80 -1.99 -0.24 -2.12
C PHE A 80 -1.88 -0.80 -3.54
N VAL A 81 -2.72 -0.30 -4.45
CA VAL A 81 -2.82 -0.90 -5.77
C VAL A 81 -2.16 -0.05 -6.86
N SER A 82 -2.15 1.27 -6.71
CA SER A 82 -1.52 2.19 -7.66
C SER A 82 -2.20 2.04 -9.01
N TRP A 83 -1.44 2.24 -10.09
CA TRP A 83 -2.01 2.31 -11.42
C TRP A 83 -0.98 1.83 -12.42
N ARG A 84 -1.31 0.80 -13.19
CA ARG A 84 -0.37 0.23 -14.16
C ARG A 84 0.28 1.31 -15.01
N ASP A 85 -0.47 2.33 -15.40
CA ASP A 85 0.00 3.33 -16.35
C ASP A 85 0.19 4.70 -15.72
N SER A 86 0.57 4.75 -14.45
CA SER A 86 0.90 6.02 -13.84
C SER A 86 2.05 6.67 -14.60
N PRO A 87 1.93 7.93 -15.06
CA PRO A 87 3.02 8.61 -15.76
C PRO A 87 4.04 9.25 -14.81
N TYR A 88 4.42 8.51 -13.77
CA TYR A 88 5.29 9.07 -12.75
C TYR A 88 6.66 9.38 -13.30
N GLU A 89 7.32 8.38 -13.91
CA GLU A 89 8.66 8.59 -14.45
C GLU A 89 8.66 9.69 -15.52
N GLN A 90 7.63 9.72 -16.35
CA GLN A 90 7.65 10.64 -17.50
C GLN A 90 7.35 12.08 -17.12
N THR A 91 6.79 12.32 -15.93
CA THR A 91 6.50 13.68 -15.49
C THR A 91 7.36 14.11 -14.33
N LEU A 92 8.18 13.21 -13.79
CA LEU A 92 8.95 13.51 -12.60
C LEU A 92 9.94 14.63 -12.89
N GLY A 93 9.93 15.66 -12.05
CA GLY A 93 10.87 16.75 -12.14
C GLY A 93 10.53 17.83 -13.14
N HIS A 94 9.37 17.76 -13.79
CA HIS A 94 8.92 18.81 -14.70
C HIS A 94 7.90 19.68 -14.00
N ASP A 95 7.85 20.95 -14.40
CA ASP A 95 6.80 21.84 -13.91
C ASP A 95 5.47 21.58 -14.61
N ALA A 96 5.47 20.78 -15.68
CA ALA A 96 4.27 20.48 -16.43
C ALA A 96 4.54 19.21 -17.20
N PRO A 97 3.51 18.45 -17.54
CA PRO A 97 3.74 17.24 -18.34
C PRO A 97 4.35 17.61 -19.68
N PRO A 98 5.33 16.83 -20.16
CA PRO A 98 5.85 17.08 -21.52
C PRO A 98 4.76 16.97 -22.57
N ALA A 99 4.95 17.73 -23.67
CA ALA A 99 3.95 17.83 -24.71
C ALA A 99 3.48 16.46 -25.20
N ALA A 100 4.42 15.54 -25.44
CA ALA A 100 4.05 14.24 -26.00
C ALA A 100 3.10 13.50 -25.07
N ILE A 101 3.47 13.35 -23.80
CA ILE A 101 2.63 12.58 -22.90
C ILE A 101 1.37 13.36 -22.56
N ALA A 102 1.43 14.71 -22.56
CA ALA A 102 0.27 15.50 -22.15
C ALA A 102 -0.92 15.29 -23.08
N GLN A 103 -0.64 15.11 -24.38
CA GLN A 103 -1.73 15.06 -25.34
C GLN A 103 -2.44 13.71 -25.38
N SER A 104 -1.72 12.62 -25.13
CA SER A 104 -2.23 11.29 -25.40
C SER A 104 -2.38 10.39 -24.18
N TRP A 105 -1.92 10.81 -23.01
CA TRP A 105 -1.95 9.89 -21.87
C TRP A 105 -3.39 9.70 -21.40
N PRO A 106 -3.80 8.46 -21.12
CA PRO A 106 -5.16 8.25 -20.58
C PRO A 106 -5.31 8.91 -19.22
N ALA A 107 -6.48 9.51 -19.00
CA ALA A 107 -6.84 9.99 -17.68
C ALA A 107 -7.09 8.81 -16.74
N PHE A 108 -6.77 9.02 -15.46
CA PHE A 108 -6.99 7.98 -14.47
C PHE A 108 -8.48 7.77 -14.28
N ASP A 109 -8.96 6.57 -14.61
CA ASP A 109 -10.36 6.20 -14.43
C ASP A 109 -10.43 5.17 -13.32
N PRO A 110 -10.83 5.55 -12.09
CA PRO A 110 -10.74 4.59 -10.97
C PRO A 110 -11.49 3.31 -11.20
N ASP A 111 -12.55 3.33 -12.01
CA ASP A 111 -13.37 2.14 -12.24
C ASP A 111 -12.70 1.13 -13.16
N HIS A 112 -11.81 1.59 -14.06
CA HIS A 112 -11.22 0.71 -15.06
C HIS A 112 -9.70 0.65 -15.04
N ALA A 113 -9.02 1.58 -14.38
CA ALA A 113 -7.55 1.61 -14.42
C ALA A 113 -6.96 0.38 -13.73
N PRO A 114 -6.16 -0.43 -14.42
CA PRO A 114 -5.58 -1.61 -13.75
C PRO A 114 -4.55 -1.22 -12.71
N ALA A 115 -4.37 -2.13 -11.76
CA ALA A 115 -3.40 -1.96 -10.69
C ALA A 115 -1.98 -2.04 -11.24
N TYR A 116 -1.03 -1.53 -10.46
CA TYR A 116 0.37 -1.58 -10.86
C TYR A 116 0.93 -2.96 -10.55
N PRO A 117 1.39 -3.72 -11.55
CA PRO A 117 1.73 -5.13 -11.28
C PRO A 117 2.91 -5.30 -10.33
N GLY A 118 3.85 -4.35 -10.30
CA GLY A 118 5.04 -4.50 -9.49
C GLY A 118 4.79 -4.54 -7.99
N PHE A 119 3.60 -4.14 -7.54
CA PHE A 119 3.26 -4.15 -6.13
C PHE A 119 2.50 -5.41 -5.72
N GLY A 120 2.36 -6.37 -6.62
CA GLY A 120 1.66 -7.60 -6.30
C GLY A 120 0.57 -7.93 -7.30
N ALA A 121 0.62 -9.13 -7.86
CA ALA A 121 -0.42 -9.55 -8.80
C ALA A 121 -1.78 -9.70 -8.13
N ILE A 122 -1.82 -9.82 -6.79
CA ILE A 122 -3.10 -10.01 -6.10
C ILE A 122 -3.95 -8.74 -6.19
N ASN A 123 -3.32 -7.59 -6.33
CA ASN A 123 -4.04 -6.32 -6.21
C ASN A 123 -5.05 -6.11 -7.32
N GLU A 124 -4.81 -6.66 -8.52
CA GLU A 124 -5.82 -6.56 -9.56
C GLU A 124 -7.06 -7.36 -9.18
N PHE A 125 -6.90 -8.45 -8.41
CA PHE A 125 -8.05 -9.22 -7.97
C PHE A 125 -8.81 -8.50 -6.86
N ILE A 126 -8.09 -7.80 -5.99
CA ILE A 126 -8.76 -7.03 -4.95
C ILE A 126 -9.56 -5.90 -5.58
N ARG A 127 -8.95 -5.14 -6.50
CA ARG A 127 -9.63 -3.93 -6.96
C ARG A 127 -10.84 -4.23 -7.83
N THR A 128 -10.90 -5.41 -8.46
CA THR A 128 -12.08 -5.81 -9.22
C THR A 128 -13.08 -6.61 -8.39
N TYR A 129 -12.81 -6.80 -7.11
CA TYR A 129 -13.78 -7.47 -6.25
C TYR A 129 -15.07 -6.63 -6.18
N PRO A 130 -16.25 -7.26 -6.22
CA PRO A 130 -17.49 -6.47 -6.18
C PRO A 130 -17.61 -5.68 -4.88
N GLY A 131 -17.95 -4.39 -5.02
CA GLY A 131 -18.04 -3.51 -3.88
C GLY A 131 -16.75 -2.80 -3.52
N CYS A 132 -15.64 -3.17 -4.14
CA CYS A 132 -14.37 -2.51 -3.82
C CYS A 132 -14.43 -1.04 -4.21
N ARG A 133 -13.97 -0.19 -3.30
CA ARG A 133 -13.82 1.23 -3.55
C ARG A 133 -12.36 1.56 -3.83
N ARG A 134 -12.15 2.57 -4.66
CA ARG A 134 -10.82 2.95 -5.12
C ARG A 134 -10.56 4.41 -4.81
N THR A 135 -9.36 4.72 -4.31
CA THR A 135 -9.03 6.11 -3.99
C THR A 135 -8.63 6.87 -5.26
N ALA A 136 -8.75 8.18 -5.16
CA ALA A 136 -8.65 9.08 -6.30
C ALA A 136 -7.23 9.45 -6.69
N HIS A 137 -6.22 9.08 -5.88
CA HIS A 137 -4.84 9.43 -6.19
C HIS A 137 -4.33 8.43 -7.23
N PRO A 138 -4.02 8.87 -8.45
CA PRO A 138 -3.67 7.89 -9.50
C PRO A 138 -2.41 7.10 -9.17
N ASP A 139 -1.37 7.74 -8.64
CA ASP A 139 -0.13 7.01 -8.42
C ASP A 139 -0.13 6.26 -7.10
N ALA A 140 -0.81 6.79 -6.08
CA ALA A 140 -0.85 6.20 -4.75
C ALA A 140 -2.17 5.46 -4.49
N SER A 141 -2.89 5.10 -5.55
CA SER A 141 -4.27 4.62 -5.43
C SER A 141 -4.37 3.46 -4.45
N MET A 142 -5.36 3.55 -3.56
CA MET A 142 -5.65 2.49 -2.61
C MET A 142 -7.01 1.91 -2.93
N ALA A 143 -7.18 0.63 -2.61
CA ALA A 143 -8.46 -0.04 -2.79
C ALA A 143 -8.92 -0.56 -1.43
N ALA A 144 -10.23 -0.49 -1.19
CA ALA A 144 -10.75 -0.91 0.10
C ALA A 144 -12.04 -1.72 -0.10
N ILE A 145 -12.17 -2.76 0.72
CA ILE A 145 -13.36 -3.62 0.75
C ILE A 145 -13.86 -3.66 2.19
N GLY A 146 -15.16 -3.45 2.37
CA GLY A 146 -15.76 -3.59 3.67
C GLY A 146 -16.65 -2.42 4.02
N PRO A 147 -17.29 -2.48 5.19
CA PRO A 147 -18.25 -1.43 5.57
C PRO A 147 -17.64 -0.06 5.71
N ASP A 148 -16.35 0.04 6.04
CA ASP A 148 -15.70 1.33 6.21
C ASP A 148 -14.91 1.76 4.97
N ALA A 149 -15.17 1.13 3.83
CA ALA A 149 -14.33 1.35 2.65
C ALA A 149 -14.43 2.79 2.16
N ALA A 150 -15.64 3.36 2.10
CA ALA A 150 -15.77 4.72 1.59
C ALA A 150 -15.06 5.72 2.48
N TRP A 151 -15.13 5.51 3.80
CA TRP A 151 -14.44 6.39 4.76
C TRP A 151 -12.93 6.25 4.62
N LEU A 152 -12.43 5.04 4.35
CA LEU A 152 -11.00 4.84 4.20
C LEU A 152 -10.46 5.57 2.97
N VAL A 153 -11.15 5.46 1.84
CA VAL A 153 -10.52 5.82 0.55
C VAL A 153 -10.63 7.29 0.18
N ALA A 154 -11.45 8.08 0.89
CA ALA A 154 -11.64 9.47 0.54
C ALA A 154 -11.57 10.32 1.80
N PRO A 155 -10.91 11.50 1.75
CA PRO A 155 -10.20 12.08 0.59
C PRO A 155 -8.88 11.39 0.30
N HIS A 156 -8.42 11.47 -0.95
CA HIS A 156 -7.05 11.08 -1.26
C HIS A 156 -6.54 12.05 -2.32
N GLU A 157 -5.94 13.14 -1.84
CA GLU A 157 -5.64 14.27 -2.69
C GLU A 157 -4.19 14.21 -3.16
N MET A 158 -3.97 14.74 -4.36
CA MET A 158 -2.62 15.03 -4.82
C MET A 158 -1.92 15.88 -3.77
N GLY A 159 -0.69 15.50 -3.46
CA GLY A 159 0.07 16.17 -2.41
C GLY A 159 -0.03 15.52 -1.06
N ALA A 160 -0.90 14.51 -0.90
CA ALA A 160 -1.06 13.79 0.36
C ALA A 160 -1.11 12.29 0.07
N ALA A 161 -0.03 11.79 -0.52
CA ALA A 161 -0.02 10.40 -0.99
C ALA A 161 -0.09 9.40 0.16
N TYR A 162 0.84 9.48 1.11
CA TYR A 162 0.93 8.52 2.20
C TYR A 162 0.90 9.17 3.58
N GLY A 163 0.74 10.48 3.66
CA GLY A 163 0.90 11.17 4.91
C GLY A 163 -0.43 11.49 5.56
N PRO A 164 -0.45 12.51 6.41
CA PRO A 164 -1.72 12.93 7.01
C PRO A 164 -2.76 13.21 5.93
N ARG A 165 -4.00 12.83 6.22
CA ARG A 165 -5.18 12.99 5.38
C ARG A 165 -5.28 11.93 4.30
N SER A 166 -4.35 11.00 4.21
CA SER A 166 -4.41 9.94 3.23
C SER A 166 -5.16 8.75 3.80
N PRO A 167 -5.50 7.77 2.96
CA PRO A 167 -6.08 6.54 3.51
C PRO A 167 -5.18 5.86 4.54
N ILE A 168 -3.86 5.96 4.38
CA ILE A 168 -2.93 5.34 5.34
C ILE A 168 -3.12 5.93 6.72
N ALA A 169 -3.33 7.26 6.79
CA ALA A 169 -3.54 7.90 8.08
C ALA A 169 -4.79 7.38 8.78
N ARG A 170 -5.89 7.20 8.02
CA ARG A 170 -7.11 6.70 8.63
C ARG A 170 -6.98 5.23 9.00
N PHE A 171 -6.25 4.47 8.19
CA PHE A 171 -5.93 3.09 8.51
C PHE A 171 -5.18 2.99 9.84
N LEU A 172 -4.23 3.89 10.09
CA LEU A 172 -3.45 3.84 11.32
C LEU A 172 -4.31 4.18 12.54
N ALA A 173 -5.24 5.11 12.39
CA ALA A 173 -6.15 5.47 13.46
C ALA A 173 -7.23 4.42 13.70
N HIS A 174 -7.43 3.50 12.76
CA HIS A 174 -8.48 2.50 12.86
C HIS A 174 -7.94 1.13 13.25
N ALA A 175 -6.85 1.10 14.03
CA ALA A 175 -6.29 -0.13 14.57
C ALA A 175 -5.85 -1.07 13.45
N GLY A 176 -5.27 -0.51 12.39
CA GLY A 176 -4.91 -1.33 11.24
C GLY A 176 -3.82 -2.33 11.56
N LYS A 177 -3.92 -3.49 10.92
CA LYS A 177 -2.89 -4.52 10.99
C LYS A 177 -2.31 -4.74 9.60
N ILE A 178 -0.99 -4.89 9.54
CA ILE A 178 -0.30 -5.15 8.29
C ILE A 178 -0.08 -6.65 8.16
N LEU A 179 -0.50 -7.26 7.07
CA LEU A 179 -0.41 -8.69 6.86
C LEU A 179 0.60 -8.95 5.75
N SER A 180 1.75 -9.37 6.10
CA SER A 180 2.82 -9.61 5.15
C SER A 180 2.88 -11.09 4.87
N ILE A 181 2.52 -11.48 3.65
CA ILE A 181 2.46 -12.88 3.27
C ILE A 181 3.60 -13.18 2.29
N GLY A 182 4.76 -13.54 2.83
CA GLY A 182 5.92 -13.78 2.01
C GLY A 182 6.57 -12.54 1.44
N ALA A 183 6.08 -11.35 1.76
CA ALA A 183 6.68 -10.14 1.25
C ALA A 183 7.86 -9.73 2.12
N GLY A 184 8.77 -9.00 1.53
CA GLY A 184 9.95 -8.57 2.24
C GLY A 184 9.71 -7.31 3.03
N PRO A 185 10.70 -6.94 3.85
CA PRO A 185 10.54 -5.77 4.72
C PRO A 185 10.48 -4.45 3.97
N ASP A 186 10.86 -4.42 2.70
CA ASP A 186 10.74 -3.20 1.91
C ASP A 186 9.30 -2.88 1.50
N ALA A 187 8.36 -3.82 1.69
CA ALA A 187 7.04 -3.67 1.11
C ALA A 187 6.04 -2.95 2.01
N VAL A 188 6.47 -2.43 3.17
CA VAL A 188 5.54 -1.92 4.19
C VAL A 188 5.20 -0.46 3.85
N THR A 189 4.17 -0.31 3.02
CA THR A 189 3.79 1.02 2.54
C THR A 189 3.49 1.98 3.67
N ALA A 190 2.87 1.49 4.74
CA ALA A 190 2.44 2.38 5.81
C ALA A 190 3.59 3.16 6.42
N LEU A 191 4.82 2.66 6.29
CA LEU A 191 5.95 3.39 6.85
C LEU A 191 6.26 4.67 6.07
N HIS A 192 5.72 4.85 4.86
CA HIS A 192 5.87 6.16 4.24
C HIS A 192 5.15 7.25 5.01
N TYR A 193 4.18 6.89 5.85
CA TYR A 193 3.58 7.89 6.73
C TYR A 193 4.62 8.41 7.74
N ALA A 194 5.44 7.52 8.28
CA ALA A 194 6.49 7.95 9.21
C ALA A 194 7.44 8.93 8.54
N GLU A 195 7.82 8.65 7.29
CA GLU A 195 8.70 9.55 6.57
C GLU A 195 8.05 10.92 6.41
N ALA A 196 6.75 10.95 6.12
CA ALA A 196 6.06 12.21 5.87
C ALA A 196 6.08 13.11 7.12
N VAL A 197 5.88 12.53 8.30
CA VAL A 197 5.70 13.33 9.50
C VAL A 197 6.98 13.50 10.31
N ALA A 198 8.03 12.71 10.03
CA ALA A 198 9.25 12.80 10.82
C ALA A 198 9.88 14.19 10.73
N ARG A 199 10.28 14.71 11.89
CA ARG A 199 10.91 16.04 11.99
C ARG A 199 12.40 15.87 11.79
N ILE A 200 12.80 15.73 10.53
CA ILE A 200 14.20 15.55 10.20
C ILE A 200 14.55 16.53 9.09
N GLU A 201 15.83 16.90 9.02
CA GLU A 201 16.28 17.89 8.06
C GLU A 201 16.64 17.24 6.73
N GLY A 202 16.42 17.99 5.65
CA GLY A 202 16.85 17.53 4.34
C GLY A 202 15.91 16.58 3.63
N LYS A 203 14.63 16.56 4.00
CA LYS A 203 13.71 15.61 3.41
C LYS A 203 13.52 15.89 1.93
N ARG A 204 13.56 14.83 1.13
CA ARG A 204 13.47 14.95 -0.31
C ARG A 204 12.03 15.07 -0.75
N ARG A 205 11.79 15.91 -1.76
CA ARG A 205 10.48 16.08 -2.34
C ARG A 205 10.58 15.89 -3.83
N VAL A 206 9.50 15.41 -4.42
CA VAL A 206 9.43 15.19 -5.86
C VAL A 206 8.26 15.99 -6.37
N THR A 207 8.34 16.35 -7.65
CA THR A 207 7.25 17.02 -8.36
C THR A 207 6.88 16.10 -9.50
N TYR A 208 5.57 15.91 -9.71
CA TYR A 208 5.12 15.10 -10.83
C TYR A 208 3.71 15.51 -11.19
N SER A 209 3.24 14.96 -12.31
CA SER A 209 1.93 15.33 -12.85
C SER A 209 1.11 14.08 -13.12
N MET A 210 -0.17 14.15 -12.80
CA MET A 210 -1.10 13.05 -12.99
C MET A 210 -2.32 13.53 -13.77
N PRO A 211 -2.84 12.71 -14.69
CA PRO A 211 -4.04 13.12 -15.42
C PRO A 211 -5.30 12.62 -14.73
N LEU A 212 -6.10 13.53 -14.19
CA LEU A 212 -7.31 13.18 -13.46
C LEU A 212 -8.54 13.36 -14.33
N LEU A 213 -9.64 12.72 -13.92
CA LEU A 213 -10.96 12.96 -14.49
C LEU A 213 -11.74 13.89 -13.56
N ARG A 214 -12.05 15.08 -14.04
CA ARG A 214 -12.69 16.11 -13.22
C ARG A 214 -14.01 16.46 -13.93
N GLU A 215 -15.08 15.80 -13.48
CA GLU A 215 -16.40 15.91 -14.09
C GLU A 215 -16.32 15.71 -15.60
N GLY A 216 -15.85 14.52 -15.98
CA GLY A 216 -15.86 14.06 -17.35
C GLY A 216 -14.64 14.42 -18.17
N LYS A 217 -13.95 15.51 -17.83
CA LYS A 217 -12.85 16.01 -18.63
C LYS A 217 -11.50 15.65 -18.01
N ARG A 218 -10.53 15.39 -18.87
CA ARG A 218 -9.17 15.11 -18.41
C ARG A 218 -8.48 16.40 -18.01
N VAL A 219 -7.97 16.44 -16.78
CA VAL A 219 -7.25 17.59 -16.25
C VAL A 219 -5.91 17.09 -15.70
N TRP A 220 -4.83 17.74 -16.13
CA TRP A 220 -3.50 17.46 -15.59
C TRP A 220 -3.29 18.27 -14.32
N VAL A 221 -2.88 17.59 -13.24
CA VAL A 221 -2.61 18.23 -11.97
C VAL A 221 -1.14 18.00 -11.65
N THR A 222 -0.42 19.08 -11.36
CA THR A 222 0.99 19.01 -10.99
C THR A 222 1.10 19.27 -9.49
N THR A 223 1.84 18.41 -8.79
CA THR A 223 1.95 18.52 -7.35
C THR A 223 3.36 18.18 -6.92
N SER A 224 3.66 18.50 -5.67
CA SER A 224 4.85 18.00 -5.03
C SER A 224 4.46 17.22 -3.79
N ASP A 225 5.30 16.26 -3.43
CA ASP A 225 5.06 15.42 -2.27
C ASP A 225 6.42 14.89 -1.83
N TRP A 226 6.42 14.21 -0.68
CA TRP A 226 7.65 13.56 -0.22
C TRP A 226 8.06 12.47 -1.19
N ASP A 227 9.37 12.35 -1.41
CA ASP A 227 9.93 11.31 -2.27
C ASP A 227 9.72 9.96 -1.62
N SER A 228 8.83 9.15 -2.20
CA SER A 228 8.59 7.82 -1.68
C SER A 228 9.64 6.81 -2.13
N ASN A 229 10.65 7.22 -2.90
CA ASN A 229 11.74 6.34 -3.30
C ASN A 229 13.02 6.65 -2.53
N GLY A 230 12.90 7.36 -1.42
CA GLY A 230 14.04 7.66 -0.56
C GLY A 230 13.87 9.01 0.09
N ILE A 231 13.56 9.04 1.38
CA ILE A 231 13.21 10.30 2.02
C ILE A 231 14.46 11.17 2.22
N LEU A 232 15.63 10.56 2.37
CA LEU A 232 16.90 11.26 2.42
C LEU A 232 17.82 10.68 1.37
N ASP A 233 18.87 11.44 1.04
CA ASP A 233 19.79 11.02 -0.02
C ASP A 233 20.37 9.63 0.26
N GLU A 234 20.71 9.33 1.51
CA GLU A 234 21.34 8.04 1.80
C GLU A 234 20.36 6.87 1.73
N TYR A 235 19.06 7.12 1.65
CA TYR A 235 18.08 6.06 1.48
C TYR A 235 17.55 5.99 0.05
N ALA A 236 18.13 6.78 -0.86
CA ALA A 236 17.57 6.95 -2.19
C ALA A 236 18.35 6.22 -3.27
N ALA A 237 19.36 5.44 -2.90
CA ALA A 237 20.06 4.64 -3.90
C ALA A 237 19.06 3.76 -4.63
N PRO A 238 19.22 3.56 -5.96
CA PRO A 238 18.16 2.88 -6.73
C PRO A 238 17.92 1.47 -6.23
N ASP A 239 18.97 0.66 -6.19
CA ASP A 239 19.01 -0.45 -5.25
C ASP A 239 18.95 0.13 -3.85
N GLY A 240 18.03 -0.38 -3.04
CA GLY A 240 17.92 0.05 -1.66
C GLY A 240 19.22 -0.13 -0.90
N PRO A 241 19.13 -0.27 0.43
CA PRO A 241 17.89 -0.28 1.22
C PRO A 241 17.37 1.12 1.47
N ASP A 242 16.06 1.32 1.29
CA ASP A 242 15.46 2.59 1.65
C ASP A 242 15.20 2.60 3.16
N ALA A 243 14.66 3.71 3.64
CA ALA A 243 14.38 3.82 5.06
C ALA A 243 13.28 2.85 5.47
N VAL A 244 12.28 2.60 4.62
CA VAL A 244 11.25 1.63 4.98
C VAL A 244 11.90 0.31 5.36
N GLU A 245 12.79 -0.19 4.51
CA GLU A 245 13.39 -1.50 4.73
C GLU A 245 14.24 -1.51 5.99
N ARG A 246 15.01 -0.45 6.21
CA ARG A 246 15.91 -0.41 7.37
C ARG A 246 15.11 -0.33 8.66
N ILE A 247 14.03 0.45 8.67
CA ILE A 247 13.16 0.53 9.85
C ILE A 247 12.53 -0.83 10.12
N ALA A 248 11.97 -1.46 9.09
CA ALA A 248 11.25 -2.70 9.28
C ALA A 248 12.17 -3.80 9.80
N ARG A 249 13.40 -3.87 9.27
CA ARG A 249 14.35 -4.87 9.77
C ARG A 249 14.64 -4.66 11.25
N ASP A 250 14.93 -3.42 11.64
CA ASP A 250 15.17 -3.12 13.05
C ASP A 250 13.96 -3.49 13.91
N TYR A 251 12.77 -3.13 13.43
CA TYR A 251 11.55 -3.41 14.18
C TYR A 251 11.37 -4.89 14.40
N LEU A 252 11.49 -5.69 13.34
CA LEU A 252 11.22 -7.11 13.43
C LEU A 252 12.26 -7.83 14.28
N ALA A 253 13.47 -7.28 14.38
CA ALA A 253 14.49 -7.87 15.25
C ALA A 253 14.24 -7.57 16.72
N ARG A 254 13.39 -6.59 17.02
CA ARG A 254 13.21 -6.09 18.38
C ARG A 254 11.83 -6.35 18.95
N THR A 255 10.91 -6.91 18.18
CA THR A 255 9.51 -6.91 18.55
C THR A 255 8.92 -8.29 18.41
N ARG A 256 8.08 -8.66 19.37
CA ARG A 256 7.31 -9.89 19.26
C ARG A 256 6.18 -9.67 18.26
N VAL A 257 6.18 -10.47 17.21
CA VAL A 257 5.26 -10.32 16.08
C VAL A 257 4.75 -11.69 15.71
N ALA A 258 3.43 -11.84 15.62
CA ALA A 258 2.86 -13.12 15.24
C ALA A 258 3.42 -13.55 13.90
N GLN A 259 3.92 -14.78 13.86
CA GLN A 259 4.60 -15.30 12.69
C GLN A 259 4.06 -16.70 12.42
N GLY A 260 3.85 -17.02 11.15
CA GLY A 260 3.35 -18.32 10.78
C GLY A 260 3.06 -18.44 9.31
N PRO A 261 2.69 -19.65 8.86
CA PRO A 261 2.47 -19.86 7.43
C PRO A 261 1.08 -19.43 6.97
N VAL A 262 1.04 -18.89 5.75
CA VAL A 262 -0.20 -18.75 4.99
C VAL A 262 0.08 -19.41 3.65
N GLY A 263 -0.57 -20.53 3.39
CA GLY A 263 -0.14 -21.37 2.29
C GLY A 263 1.30 -21.79 2.54
N GLY A 264 2.15 -21.65 1.53
CA GLY A 264 3.55 -21.97 1.69
C GLY A 264 4.43 -20.81 2.12
N ALA A 265 3.84 -19.66 2.43
CA ALA A 265 4.60 -18.43 2.65
C ALA A 265 4.73 -18.13 4.13
N GLN A 266 5.94 -17.76 4.55
CA GLN A 266 6.16 -17.25 5.89
C GLN A 266 5.53 -15.86 6.02
N SER A 267 4.68 -15.70 7.03
CA SER A 267 3.81 -14.53 7.13
C SER A 267 3.96 -13.91 8.50
N ARG A 268 3.65 -12.62 8.57
CA ARG A 268 3.71 -11.81 9.78
C ARG A 268 2.45 -10.93 9.86
N LEU A 269 2.00 -10.70 11.09
CA LEU A 269 0.87 -9.81 11.35
C LEU A 269 1.37 -8.70 12.27
N ILE A 270 1.46 -7.50 11.73
CA ILE A 270 2.12 -6.36 12.37
C ILE A 270 1.07 -5.35 12.78
N ASP A 271 1.19 -4.85 14.01
CA ASP A 271 0.37 -3.73 14.46
C ASP A 271 0.86 -2.46 13.77
N ALA A 272 0.00 -1.88 12.92
CA ALA A 272 0.46 -0.80 12.05
C ALA A 272 0.86 0.45 12.84
N ALA A 273 0.04 0.83 13.82
CA ALA A 273 0.36 2.02 14.61
C ALA A 273 1.68 1.86 15.33
N ASP A 274 1.97 0.63 15.77
CA ASP A 274 3.19 0.39 16.53
C ASP A 274 4.42 0.54 15.66
N ILE A 275 4.40 -0.04 14.44
CA ILE A 275 5.60 0.04 13.60
C ILE A 275 5.81 1.46 13.08
N VAL A 276 4.73 2.20 12.81
CA VAL A 276 4.88 3.59 12.37
C VAL A 276 5.44 4.46 13.50
N SER A 277 4.96 4.29 14.73
CA SER A 277 5.50 5.04 15.87
C SER A 277 6.98 4.77 16.02
N PHE A 278 7.35 3.49 15.93
CA PHE A 278 8.75 3.10 15.97
C PHE A 278 9.55 3.78 14.86
N GLY A 279 8.97 3.85 13.65
CA GLY A 279 9.69 4.43 12.53
C GLY A 279 9.89 5.93 12.64
N ILE A 280 8.92 6.63 13.21
CA ILE A 280 9.10 8.05 13.47
C ILE A 280 10.26 8.25 14.44
N GLU A 281 10.30 7.46 15.51
CA GLU A 281 11.39 7.58 16.49
C GLU A 281 12.73 7.16 15.89
N TRP A 282 12.74 6.10 15.10
CA TRP A 282 13.95 5.66 14.40
C TRP A 282 14.56 6.79 13.56
N LEU A 283 13.72 7.45 12.75
CA LEU A 283 14.23 8.50 11.86
C LEU A 283 14.69 9.71 12.65
N GLU A 284 13.96 10.09 13.70
CA GLU A 284 14.27 11.30 14.43
C GLU A 284 15.48 11.12 15.35
N ALA A 285 15.75 9.90 15.79
CA ALA A 285 16.94 9.63 16.57
C ALA A 285 18.19 9.70 15.70
N ARG A 286 18.06 9.40 14.41
CA ARG A 286 19.21 9.30 13.51
C ARG A 286 19.50 10.57 12.73
N HIS A 287 18.55 11.51 12.64
CA HIS A 287 18.74 12.69 11.80
C HIS A 287 18.29 13.92 12.60
N ALA A 288 19.23 14.84 12.85
CA ALA A 288 19.00 15.93 13.79
C ALA A 288 17.81 16.79 13.38
C11 SIS B . 10.20 0.29 -4.06
C12 SIS B . 6.23 3.69 -4.13
C13 SIS B . 6.87 4.93 -7.13
C21 SIS B . 10.28 -1.08 -3.92
C22 SIS B . 6.78 3.49 -2.66
C23 SIS B . 5.64 5.13 -8.03
C31 SIS B . 11.74 -1.42 -4.48
C32 SIS B . 7.45 2.08 -2.52
C33 SIS B . 5.56 4.04 -9.06
C41 SIS B . 12.72 -0.37 -4.50
C42 SIS B . 8.60 1.96 -3.56
C43 SIS B . 6.83 3.93 -9.86
C51 SIS B . 12.56 0.86 -3.56
C52 SIS B . 8.13 2.41 -5.00
C53 SIS B . 8.07 3.81 -8.95
C61 SIS B . 13.64 1.77 -3.15
C62 SIS B . 7.31 3.72 -5.13
C83 SIS B . 6.77 2.65 -10.75
C93 SIS B . 3.42 3.26 -10.15
N12 SIS B . 5.47 4.94 -4.21
N21 SIS B . 10.15 -1.46 -2.53
N32 SIS B . 8.05 1.87 -1.26
N33 SIS B . 4.38 4.37 -9.99
N61 SIS B . 13.07 3.10 -3.40
O11 SIS B . 8.87 0.60 -3.58
O23 SIS B . 4.45 5.14 -7.19
O43 SIS B . 6.98 5.10 -10.67
O51 SIS B . 11.23 1.09 -3.16
O52 SIS B . 9.00 2.15 -6.10
O53 SIS B . 8.12 4.91 -7.95
O62 SIS B . 6.73 3.74 -6.48
H1 SIS B . 10.30 0.57 -4.99
H2 SIS B . 5.64 2.94 -4.33
H3 SIS B . 6.92 5.65 -6.48
H4 SIS B . 9.65 -1.50 -4.47
H5 SIS B . 6.04 3.55 -2.03
H6 SIS B . 7.43 4.17 -2.46
H7 SIS B . 5.71 5.99 -8.48
H8 SIS B . 11.78 -1.80 -5.34
H9 SIS B . 12.16 -2.12 -3.93
H10 SIS B . 6.80 1.38 -2.69
H11 SIS B . 5.39 3.20 -8.62
H12 SIS B . 13.54 -0.48 -4.97
H13 SIS B . 9.39 2.44 -3.23
H14 SIS B . 7.43 1.81 -5.18
H15 SIS B . 8.05 2.96 -8.49
H16 SIS B . 8.87 3.86 -9.50
H17 SIS B . 14.39 1.61 -3.75
H18 SIS B . 13.94 1.71 -2.23
H19 SIS B . 7.83 4.52 -4.99
H20 SIS B . 6.04 2.74 -11.38
H21 SIS B . 6.64 1.87 -10.19
H22 SIS B . 7.61 2.56 -11.23
H23 SIS B . 3.64 2.76 -10.95
H24 SIS B . 3.47 2.66 -9.39
H25 SIS B . 2.52 3.61 -10.23
H26 SIS B . 5.90 5.58 -3.75
D26 SIS B . 4.66 4.80 -3.90
H27 SIS B . 4.68 4.79 -3.84
D27 SIS B . 5.88 5.58 -3.74
H29 SIS B . 10.04 -0.74 -2.02
D29 SIS B . 10.05 -0.74 -2.01
H30 SIS B . 10.88 -1.91 -2.25
D30 SIS B . 10.87 -1.91 -2.25
H32 SIS B . 7.47 2.09 -0.62
D32 SIS B . 7.47 2.09 -0.62
H33 SIS B . 8.78 2.37 -1.19
D33 SIS B . 8.78 2.37 -1.19
H35 SIS B . 3.95 5.09 -9.69
D35 SIS B . 3.95 5.09 -9.69
H37 SIS B . 13.34 3.40 -4.20
D37 SIS B . 13.33 3.39 -4.21
H38 SIS B . 13.32 3.68 -2.77
D38 SIS B . 13.34 3.67 -2.78
H40 SIS B . 4.00 5.84 -7.35
D40 SIS B . 3.98 5.82 -7.37
H41 SIS B . 7.62 4.99 -11.21
D41 SIS B . 7.62 4.98 -11.22
H42 SIS B . 9.59 2.74 -6.26
D42 SIS B . 9.59 2.75 -6.25
MG MG C . -16.80 -1.21 11.36
#